data_9DA6
#
_entry.id   9DA6
#
_cell.length_a   62.749
_cell.length_b   63.925
_cell.length_c   127.407
_cell.angle_alpha   90.00
_cell.angle_beta   90.00
_cell.angle_gamma   90.00
#
_symmetry.space_group_name_H-M   'C 2 2 21'
#
loop_
_entity.id
_entity.type
_entity.pdbx_description
1 polymer '5-hydroxymethyl-dUMP N-hydrolase'
2 non-polymer (3R,4R)-3-hydroxy-4-[(phosphonooxy)methyl]pyrrolidinium
3 non-polymer 1,2-ETHANEDIOL
4 water water
#
_entity_poly.entity_id   1
_entity_poly.type   'polypeptide(L)'
_entity_poly.pdbx_seq_one_letter_code
;SMRPALYFCGSIRGGREDRTLYERIVSRLRRFGTVLTEHVAAAELGARGEEAAGGDRLIHEQDLEWLQQADVVVAEVTQP
SLGVGYELGRAVAFNKRILCLFRPQSGRVLSAMIRGAADGSRFQVWDYEEGEVEALLDRYFEADP
;
_entity_poly.pdbx_strand_id   A,B
#
# COMPACT_ATOMS: atom_id res chain seq x y z
N MET A 2 -24.82 -16.60 9.52
CA MET A 2 -23.59 -15.80 9.72
C MET A 2 -23.14 -15.27 8.34
N ARG A 3 -23.22 -13.95 8.15
CA ARG A 3 -22.88 -13.37 6.83
C ARG A 3 -21.37 -13.25 6.65
N PRO A 4 -20.82 -13.53 5.45
CA PRO A 4 -19.40 -13.29 5.17
C PRO A 4 -19.04 -11.83 5.42
N ALA A 5 -17.85 -11.58 5.90
CA ALA A 5 -17.38 -10.24 6.26
C ALA A 5 -16.42 -9.79 5.17
N LEU A 6 -16.70 -8.64 4.58
CA LEU A 6 -15.97 -8.16 3.41
C LEU A 6 -15.40 -6.78 3.72
N TYR A 7 -14.08 -6.62 3.55
CA TYR A 7 -13.43 -5.34 3.79
C TYR A 7 -13.16 -4.67 2.45
N PHE A 8 -13.53 -3.40 2.30
CA PHE A 8 -13.31 -2.68 1.05
C PHE A 8 -12.21 -1.63 1.19
N CYS A 9 -11.20 -1.72 0.33
CA CYS A 9 -10.07 -0.81 0.20
C CYS A 9 -10.12 0.01 -1.06
N GLY A 10 -9.82 1.30 -0.93
CA GLY A 10 -9.68 2.17 -2.10
C GLY A 10 -9.05 3.47 -1.65
N SER A 11 -8.47 4.19 -2.62
CA SER A 11 -7.75 5.41 -2.29
C SER A 11 -8.63 6.46 -1.61
N ILE A 12 -8.05 7.16 -0.63
CA ILE A 12 -8.66 8.33 -0.01
C ILE A 12 -7.65 9.49 -0.09
N ARG A 13 -6.65 9.49 0.78
CA ARG A 13 -5.61 10.52 0.71
C ARG A 13 -4.71 10.39 -0.52
N GLY A 14 -4.63 9.22 -1.15
CA GLY A 14 -3.96 9.14 -2.42
C GLY A 14 -4.71 9.86 -3.53
N GLY A 15 -5.96 10.20 -3.30
CA GLY A 15 -6.80 10.87 -4.28
C GLY A 15 -8.16 10.22 -4.33
N ARG A 16 -9.19 11.03 -4.53
CA ARG A 16 -10.57 10.56 -4.51
C ARG A 16 -11.20 10.50 -5.90
N GLU A 17 -10.36 10.39 -6.93
CA GLU A 17 -10.82 10.38 -8.31
C GLU A 17 -11.90 9.34 -8.55
N ASP A 18 -11.77 8.16 -7.93
CA ASP A 18 -12.65 7.04 -8.22
C ASP A 18 -13.75 6.86 -7.17
N ARG A 19 -14.02 7.89 -6.35
CA ARG A 19 -14.96 7.73 -5.23
C ARG A 19 -16.36 7.30 -5.68
N THR A 20 -16.87 7.82 -6.79
CA THR A 20 -18.22 7.42 -7.20
C THR A 20 -18.25 5.93 -7.55
N LEU A 21 -17.23 5.46 -8.26
CA LEU A 21 -17.09 4.04 -8.55
C LEU A 21 -16.98 3.23 -7.27
N TYR A 22 -16.25 3.72 -6.26
CA TYR A 22 -16.17 2.97 -5.02
C TYR A 22 -17.54 2.78 -4.40
N GLU A 23 -18.41 3.79 -4.49
CA GLU A 23 -19.76 3.64 -3.94
C GLU A 23 -20.51 2.52 -4.65
N ARG A 24 -20.35 2.39 -5.97
CA ARG A 24 -20.98 1.30 -6.70
C ARG A 24 -20.47 -0.05 -6.24
N ILE A 25 -19.16 -0.17 -6.04
CA ILE A 25 -18.58 -1.42 -5.58
C ILE A 25 -19.09 -1.78 -4.19
N VAL A 26 -19.03 -0.82 -3.27
CA VAL A 26 -19.49 -1.09 -1.90
C VAL A 26 -20.97 -1.48 -1.90
N SER A 27 -21.81 -0.78 -2.66
CA SER A 27 -23.22 -1.11 -2.70
C SER A 27 -23.45 -2.55 -3.17
N ARG A 28 -22.73 -2.97 -4.21
CA ARG A 28 -22.87 -4.34 -4.67
C ARG A 28 -22.35 -5.34 -3.63
N LEU A 29 -21.19 -5.05 -3.03
CA LEU A 29 -20.66 -5.96 -2.02
C LEU A 29 -21.64 -6.20 -0.87
N ARG A 30 -22.43 -5.18 -0.50
CA ARG A 30 -23.38 -5.33 0.61
C ARG A 30 -24.44 -6.37 0.30
N ARG A 31 -24.66 -6.71 -0.96
CA ARG A 31 -25.53 -7.83 -1.28
C ARG A 31 -24.99 -9.16 -0.79
N PHE A 32 -23.67 -9.28 -0.67
CA PHE A 32 -23.02 -10.57 -0.43
C PHE A 32 -22.62 -10.77 1.01
N GLY A 33 -22.46 -9.71 1.79
CA GLY A 33 -22.07 -9.89 3.18
C GLY A 33 -21.99 -8.56 3.88
N THR A 34 -21.54 -8.63 5.12
CA THR A 34 -21.25 -7.44 5.91
C THR A 34 -20.06 -6.73 5.29
N VAL A 35 -20.20 -5.45 4.96
CA VAL A 35 -19.06 -4.68 4.45
C VAL A 35 -18.54 -3.75 5.53
N LEU A 36 -17.26 -3.89 5.80
CA LEU A 36 -16.49 -3.03 6.69
C LEU A 36 -15.57 -2.17 5.83
N THR A 37 -15.65 -0.86 6.03
CA THR A 37 -14.84 0.05 5.21
C THR A 37 -14.85 1.41 5.86
N GLU A 38 -13.76 2.15 5.63
CA GLU A 38 -13.70 3.55 5.99
C GLU A 38 -14.50 4.40 5.02
N HIS A 39 -14.76 3.90 3.81
CA HIS A 39 -15.48 4.64 2.79
C HIS A 39 -16.94 4.84 3.19
N VAL A 40 -17.41 6.07 3.05
CA VAL A 40 -18.75 6.48 3.41
C VAL A 40 -19.41 7.00 2.14
N ALA A 41 -20.63 6.54 1.88
CA ALA A 41 -21.37 7.06 0.73
C ALA A 41 -21.62 8.55 0.92
N ALA A 42 -21.44 9.31 -0.16
CA ALA A 42 -21.58 10.76 -0.08
C ALA A 42 -22.95 11.17 0.46
N ALA A 43 -23.99 10.41 0.11
CA ALA A 43 -25.33 10.75 0.58
C ALA A 43 -25.45 10.69 2.09
N GLU A 44 -24.51 10.01 2.75
CA GLU A 44 -24.50 9.88 4.20
C GLU A 44 -23.56 10.93 4.80
N GLY A 55 -7.67 11.10 15.42
CA GLY A 55 -6.37 11.19 14.78
C GLY A 55 -6.04 10.00 13.89
N ASP A 56 -4.83 10.02 13.31
CA ASP A 56 -4.52 8.97 12.36
C ASP A 56 -4.32 7.61 13.00
N ARG A 57 -3.81 7.55 14.23
CA ARG A 57 -3.66 6.23 14.84
C ARG A 57 -5.02 5.57 15.04
N LEU A 58 -6.02 6.35 15.43
CA LEU A 58 -7.36 5.80 15.57
C LEU A 58 -7.85 5.20 14.26
N ILE A 59 -7.61 5.89 13.14
CA ILE A 59 -8.04 5.37 11.84
C ILE A 59 -7.28 4.09 11.50
N HIS A 60 -5.96 4.09 11.68
CA HIS A 60 -5.18 2.89 11.43
C HIS A 60 -5.69 1.72 12.24
N GLU A 61 -5.88 1.93 13.56
CA GLU A 61 -6.29 0.82 14.42
C GLU A 61 -7.69 0.32 14.03
N GLN A 62 -8.61 1.24 13.73
CA GLN A 62 -9.97 0.86 13.34
CA GLN A 62 -9.96 0.84 13.35
C GLN A 62 -9.97 0.08 12.03
N ASP A 63 -9.28 0.60 11.01
CA ASP A 63 -9.26 -0.07 9.72
C ASP A 63 -8.57 -1.44 9.84
N LEU A 64 -7.48 -1.51 10.59
CA LEU A 64 -6.76 -2.78 10.74
C LEU A 64 -7.63 -3.81 11.46
N GLU A 65 -8.39 -3.38 12.46
CA GLU A 65 -9.26 -4.31 13.17
C GLU A 65 -10.34 -4.86 12.24
N TRP A 66 -10.96 -3.99 11.46
CA TRP A 66 -11.95 -4.43 10.47
C TRP A 66 -11.33 -5.40 9.47
N LEU A 67 -10.14 -5.07 8.96
CA LEU A 67 -9.45 -5.95 8.03
C LEU A 67 -9.19 -7.33 8.64
N GLN A 68 -8.69 -7.35 9.89
CA GLN A 68 -8.39 -8.61 10.57
C GLN A 68 -9.63 -9.47 10.78
N GLN A 69 -10.78 -8.84 10.90
CA GLN A 69 -12.06 -9.49 11.13
CA GLN A 69 -12.05 -9.51 11.13
C GLN A 69 -12.76 -9.90 9.83
N ALA A 70 -12.19 -9.60 8.68
CA ALA A 70 -12.84 -9.86 7.41
C ALA A 70 -12.50 -11.25 6.90
N ASP A 71 -13.41 -11.81 6.12
CA ASP A 71 -13.16 -13.06 5.40
C ASP A 71 -12.49 -12.76 4.06
N VAL A 72 -12.93 -11.71 3.38
CA VAL A 72 -12.45 -11.36 2.06
C VAL A 72 -12.12 -9.88 2.05
N VAL A 73 -11.00 -9.55 1.43
CA VAL A 73 -10.57 -8.17 1.27
C VAL A 73 -10.68 -7.82 -0.21
N VAL A 74 -11.48 -6.80 -0.54
CA VAL A 74 -11.68 -6.35 -1.91
C VAL A 74 -11.06 -4.95 -2.04
N ALA A 75 -10.18 -4.78 -3.02
CA ALA A 75 -9.48 -3.51 -3.22
C ALA A 75 -9.62 -3.07 -4.66
N GLU A 76 -9.99 -1.81 -4.85
CA GLU A 76 -9.94 -1.17 -6.17
C GLU A 76 -8.58 -0.49 -6.22
N VAL A 77 -7.69 -0.99 -7.07
CA VAL A 77 -6.27 -0.64 -7.06
C VAL A 77 -5.86 0.24 -8.23
N THR A 78 -6.80 0.90 -8.90
CA THR A 78 -6.46 1.74 -10.05
C THR A 78 -5.74 3.03 -9.64
N GLN A 79 -6.21 3.71 -8.60
CA GLN A 79 -5.58 4.94 -8.13
C GLN A 79 -4.45 4.60 -7.16
N PRO A 80 -3.20 4.97 -7.44
CA PRO A 80 -2.12 4.61 -6.50
C PRO A 80 -2.37 5.18 -5.11
N SER A 81 -2.11 4.37 -4.08
CA SER A 81 -2.43 4.75 -2.72
C SER A 81 -1.57 3.96 -1.76
N LEU A 82 -0.87 4.67 -0.85
CA LEU A 82 -0.12 3.98 0.20
C LEU A 82 -1.03 3.15 1.08
N GLY A 83 -2.19 3.70 1.48
CA GLY A 83 -3.04 3.00 2.41
C GLY A 83 -3.61 1.72 1.82
N VAL A 84 -4.04 1.77 0.57
CA VAL A 84 -4.52 0.57 -0.09
C VAL A 84 -3.43 -0.49 -0.16
N GLY A 85 -2.22 -0.10 -0.57
CA GLY A 85 -1.15 -1.06 -0.59
C GLY A 85 -0.83 -1.65 0.77
N TYR A 86 -0.80 -0.79 1.80
CA TYR A 86 -0.55 -1.24 3.16
C TYR A 86 -1.59 -2.25 3.62
N GLU A 87 -2.87 -1.95 3.35
CA GLU A 87 -3.93 -2.89 3.71
C GLU A 87 -3.75 -4.23 3.00
N LEU A 88 -3.34 -4.20 1.73
CA LEU A 88 -3.11 -5.46 1.03
C LEU A 88 -1.93 -6.22 1.62
N GLY A 89 -0.86 -5.51 1.98
CA GLY A 89 0.26 -6.18 2.61
C GLY A 89 -0.11 -6.81 3.94
N ARG A 90 -0.81 -6.06 4.78
CA ARG A 90 -1.29 -6.64 6.03
C ARG A 90 -2.23 -7.82 5.79
N ALA A 91 -3.08 -7.71 4.77
CA ALA A 91 -4.06 -8.74 4.48
C ALA A 91 -3.39 -10.04 4.07
N VAL A 92 -2.34 -9.95 3.24
CA VAL A 92 -1.59 -11.14 2.87
C VAL A 92 -1.03 -11.81 4.12
N ALA A 93 -0.39 -11.03 4.99
CA ALA A 93 0.22 -11.60 6.19
C ALA A 93 -0.84 -12.12 7.17
N PHE A 94 -2.06 -11.59 7.11
CA PHE A 94 -3.15 -12.09 7.92
C PHE A 94 -3.86 -13.29 7.28
N ASN A 95 -3.34 -13.82 6.18
CA ASN A 95 -3.89 -15.00 5.53
C ASN A 95 -5.31 -14.76 4.99
N LYS A 96 -5.60 -13.56 4.53
CA LYS A 96 -6.93 -13.26 4.01
C LYS A 96 -7.05 -13.61 2.54
N ARG A 97 -8.28 -13.90 2.13
CA ARG A 97 -8.61 -14.02 0.71
C ARG A 97 -8.76 -12.62 0.13
N ILE A 98 -8.14 -12.36 -1.03
CA ILE A 98 -7.98 -11.00 -1.57
C ILE A 98 -8.44 -10.96 -3.01
N LEU A 99 -9.23 -9.94 -3.35
CA LEU A 99 -9.66 -9.66 -4.72
C LEU A 99 -9.31 -8.22 -5.04
N CYS A 100 -8.45 -8.02 -6.04
CA CYS A 100 -8.09 -6.68 -6.50
C CYS A 100 -8.65 -6.41 -7.89
N LEU A 101 -9.10 -5.18 -8.09
CA LEU A 101 -9.80 -4.74 -9.30
C LEU A 101 -9.05 -3.56 -9.91
N PHE A 102 -8.60 -3.70 -11.17
CA PHE A 102 -7.78 -2.68 -11.82
C PHE A 102 -8.35 -2.33 -13.19
N ARG A 103 -8.34 -1.04 -13.53
CA ARG A 103 -8.85 -0.57 -14.82
C ARG A 103 -7.72 -0.17 -15.76
N PRO A 104 -7.42 -0.95 -16.80
CA PRO A 104 -6.41 -0.53 -17.78
C PRO A 104 -6.74 0.77 -18.50
N GLN A 105 -8.00 1.18 -18.55
CA GLN A 105 -8.33 2.45 -19.19
C GLN A 105 -7.67 3.64 -18.49
N SER A 106 -7.21 3.45 -17.25
CA SER A 106 -6.46 4.49 -16.58
C SER A 106 -5.15 4.82 -17.29
N GLY A 107 -4.67 3.93 -18.16
CA GLY A 107 -3.38 4.11 -18.78
C GLY A 107 -2.20 3.79 -17.89
N ARG A 108 -2.44 3.41 -16.64
CA ARG A 108 -1.37 3.10 -15.73
C ARG A 108 -0.92 1.65 -15.90
N VAL A 109 0.31 1.38 -15.50
CA VAL A 109 0.79 0.02 -15.32
C VAL A 109 0.68 -0.29 -13.84
N LEU A 110 -0.16 -1.27 -13.49
CA LEU A 110 -0.35 -1.60 -12.09
C LEU A 110 0.96 -2.02 -11.42
N SER A 111 1.18 -1.51 -10.21
CA SER A 111 2.30 -1.88 -9.36
C SER A 111 2.67 -3.36 -9.48
N ALA A 112 3.96 -3.63 -9.64
CA ALA A 112 4.43 -5.02 -9.68
C ALA A 112 4.18 -5.73 -8.36
N MET A 113 4.14 -4.98 -7.24
CA MET A 113 3.95 -5.63 -5.95
C MET A 113 2.53 -6.16 -5.82
N ILE A 114 1.59 -5.58 -6.56
CA ILE A 114 0.21 -6.08 -6.51
C ILE A 114 -0.04 -7.11 -7.59
N ARG A 115 0.30 -6.78 -8.84
CA ARG A 115 0.18 -7.76 -9.92
C ARG A 115 0.98 -9.01 -9.61
N GLY A 116 2.18 -8.86 -9.07
CA GLY A 116 3.05 -9.99 -8.78
C GLY A 116 2.74 -10.74 -7.53
N ALA A 117 1.89 -10.20 -6.64
CA ALA A 117 1.43 -10.94 -5.48
C ALA A 117 0.30 -11.91 -5.81
N ALA A 118 -0.29 -11.78 -6.99
CA ALA A 118 -1.43 -12.62 -7.33
C ALA A 118 -0.99 -14.06 -7.46
N ASP A 119 -1.86 -14.97 -7.03
CA ASP A 119 -1.67 -16.39 -7.22
C ASP A 119 -2.84 -17.05 -7.93
N GLY A 120 -3.84 -16.28 -8.35
CA GLY A 120 -4.97 -16.80 -9.10
C GLY A 120 -6.03 -17.52 -8.30
N SER A 121 -5.85 -17.67 -6.99
CA SER A 121 -6.87 -18.32 -6.17
C SER A 121 -7.13 -17.45 -4.95
N ARG A 122 -6.26 -17.50 -3.94
CA ARG A 122 -6.48 -16.69 -2.74
C ARG A 122 -6.03 -15.24 -2.87
N PHE A 123 -5.28 -14.87 -3.90
CA PHE A 123 -4.99 -13.48 -4.20
C PHE A 123 -5.25 -13.34 -5.70
N GLN A 124 -6.36 -12.73 -6.07
CA GLN A 124 -6.72 -12.52 -7.49
C GLN A 124 -6.66 -11.04 -7.84
N VAL A 125 -6.13 -10.76 -9.02
CA VAL A 125 -6.10 -9.41 -9.60
C VAL A 125 -6.81 -9.49 -10.96
N TRP A 126 -7.94 -8.78 -11.09
CA TRP A 126 -8.72 -8.76 -12.32
C TRP A 126 -8.71 -7.38 -12.96
N ASP A 127 -8.35 -7.34 -14.24
CA ASP A 127 -8.54 -6.16 -15.06
CA ASP A 127 -8.55 -6.15 -15.06
C ASP A 127 -10.00 -6.07 -15.48
N TYR A 128 -10.55 -4.85 -15.49
CA TYR A 128 -11.94 -4.69 -15.86
C TYR A 128 -12.22 -3.32 -16.45
N GLU A 129 -13.36 -3.21 -17.13
CA GLU A 129 -13.89 -1.97 -17.68
CA GLU A 129 -13.88 -1.97 -17.67
C GLU A 129 -14.98 -1.46 -16.74
N GLU A 130 -15.02 -0.15 -16.49
CA GLU A 130 -15.85 0.37 -15.40
C GLU A 130 -17.30 -0.09 -15.44
N GLY A 131 -17.92 -0.14 -16.60
CA GLY A 131 -19.33 -0.50 -16.64
C GLY A 131 -19.62 -1.94 -16.29
N GLU A 132 -18.61 -2.79 -16.20
CA GLU A 132 -18.77 -4.21 -15.95
C GLU A 132 -18.51 -4.62 -14.49
N VAL A 133 -18.28 -3.67 -13.58
CA VAL A 133 -17.79 -4.05 -12.25
C VAL A 133 -18.85 -4.83 -11.46
N GLU A 134 -20.13 -4.45 -11.56
CA GLU A 134 -21.17 -5.19 -10.85
C GLU A 134 -21.23 -6.64 -11.33
N ALA A 135 -21.15 -6.86 -12.64
CA ALA A 135 -21.17 -8.22 -13.16
C ALA A 135 -19.94 -9.00 -12.70
N LEU A 136 -18.79 -8.36 -12.65
CA LEU A 136 -17.58 -9.04 -12.16
C LEU A 136 -17.75 -9.46 -10.70
N LEU A 137 -18.26 -8.56 -9.86
CA LEU A 137 -18.50 -8.90 -8.46
C LEU A 137 -19.50 -10.03 -8.32
N ASP A 138 -20.57 -9.99 -9.12
CA ASP A 138 -21.57 -11.06 -9.08
C ASP A 138 -20.92 -12.40 -9.43
N ARG A 139 -19.99 -12.41 -10.40
CA ARG A 139 -19.32 -13.64 -10.77
CA ARG A 139 -19.32 -13.64 -10.77
C ARG A 139 -18.48 -14.18 -9.62
N TYR A 140 -17.66 -13.32 -9.00
CA TYR A 140 -16.74 -13.76 -7.95
C TYR A 140 -17.50 -14.26 -6.73
N PHE A 141 -18.57 -13.59 -6.35
CA PHE A 141 -19.32 -13.89 -5.13
C PHE A 141 -20.50 -14.83 -5.35
N GLU A 142 -20.71 -15.36 -6.54
CA GLU A 142 -21.75 -16.37 -6.72
C GLU A 142 -21.23 -17.73 -7.17
N ARG B 3 27.34 -2.89 10.59
CA ARG B 3 26.77 -2.15 9.47
C ARG B 3 25.49 -2.82 8.97
N PRO B 4 24.36 -2.13 9.09
CA PRO B 4 23.08 -2.78 8.77
C PRO B 4 22.89 -3.00 7.28
N ALA B 5 22.04 -3.98 6.98
CA ALA B 5 21.49 -4.15 5.63
C ALA B 5 20.24 -3.28 5.54
N LEU B 6 20.14 -2.48 4.49
CA LEU B 6 19.10 -1.47 4.39
C LEU B 6 18.31 -1.71 3.12
N TYR B 7 17.00 -1.62 3.24
CA TYR B 7 16.12 -1.73 2.09
C TYR B 7 15.43 -0.37 1.86
N PHE B 8 15.50 0.14 0.63
CA PHE B 8 14.87 1.41 0.29
C PHE B 8 13.64 1.23 -0.58
N CYS B 9 12.54 1.87 -0.14
CA CYS B 9 11.25 1.87 -0.81
C CYS B 9 10.89 3.27 -1.26
N GLY B 10 10.34 3.37 -2.48
CA GLY B 10 9.88 4.63 -3.02
C GLY B 10 9.08 4.35 -4.27
N SER B 11 8.20 5.29 -4.61
CA SER B 11 7.30 5.09 -5.75
C SER B 11 8.06 4.87 -7.06
N ILE B 12 7.56 3.94 -7.88
CA ILE B 12 8.04 3.71 -9.24
C ILE B 12 6.84 3.82 -10.18
N ARG B 13 5.98 2.78 -10.21
CA ARG B 13 4.80 2.85 -11.06
C ARG B 13 3.77 3.81 -10.51
N GLY B 14 3.84 4.17 -9.24
CA GLY B 14 3.04 5.27 -8.76
C GLY B 14 3.44 6.60 -9.36
N GLY B 15 4.63 6.68 -9.97
CA GLY B 15 5.16 7.92 -10.50
C GLY B 15 6.57 8.14 -9.98
N ARG B 16 7.41 8.75 -10.80
CA ARG B 16 8.83 8.97 -10.53
C ARG B 16 9.16 10.42 -10.20
N GLU B 17 8.18 11.17 -9.69
CA GLU B 17 8.38 12.58 -9.39
C GLU B 17 9.57 12.82 -8.49
N ASP B 18 9.76 11.97 -7.49
CA ASP B 18 10.79 12.17 -6.48
C ASP B 18 12.07 11.37 -6.75
N ARG B 19 12.29 10.94 -8.00
CA ARG B 19 13.41 10.07 -8.32
C ARG B 19 14.77 10.65 -7.91
N THR B 20 14.99 11.95 -8.10
CA THR B 20 16.29 12.53 -7.73
C THR B 20 16.48 12.49 -6.22
N LEU B 21 15.44 12.78 -5.45
CA LEU B 21 15.52 12.69 -4.00
C LEU B 21 15.79 11.26 -3.56
N TYR B 22 15.16 10.27 -4.22
CA TYR B 22 15.44 8.88 -3.86
C TYR B 22 16.91 8.56 -4.09
N GLU B 23 17.50 9.09 -5.16
CA GLU B 23 18.91 8.86 -5.42
C GLU B 23 19.75 9.45 -4.30
N ARG B 24 19.39 10.63 -3.80
CA ARG B 24 20.11 11.20 -2.66
C ARG B 24 19.96 10.35 -1.42
N ILE B 25 18.75 9.86 -1.18
CA ILE B 25 18.51 9.04 0.00
C ILE B 25 19.36 7.78 -0.07
N VAL B 26 19.29 7.09 -1.20
CA VAL B 26 20.07 5.86 -1.36
C VAL B 26 21.57 6.15 -1.22
N SER B 27 22.06 7.23 -1.84
CA SER B 27 23.48 7.57 -1.70
C SER B 27 23.88 7.73 -0.23
N ARG B 28 23.04 8.40 0.56
CA ARG B 28 23.37 8.61 1.96
C ARG B 28 23.25 7.31 2.73
N LEU B 29 22.22 6.50 2.43
CA LEU B 29 22.10 5.22 3.12
C LEU B 29 23.31 4.32 2.87
N ARG B 30 23.92 4.41 1.68
CA ARG B 30 25.07 3.56 1.38
C ARG B 30 26.28 3.92 2.24
N ARG B 31 26.30 5.11 2.83
CA ARG B 31 27.35 5.46 3.77
C ARG B 31 27.25 4.66 5.07
N PHE B 32 26.06 4.15 5.40
CA PHE B 32 25.83 3.50 6.68
C PHE B 32 25.74 1.98 6.59
N GLY B 33 25.39 1.44 5.44
CA GLY B 33 25.26 0.00 5.30
C GLY B 33 25.06 -0.35 3.85
N THR B 34 24.84 -1.64 3.60
CA THR B 34 24.59 -2.13 2.26
C THR B 34 23.12 -1.93 1.93
N VAL B 35 22.86 -1.28 0.79
CA VAL B 35 21.49 -0.96 0.39
C VAL B 35 21.05 -1.91 -0.71
N LEU B 36 19.85 -2.47 -0.54
CA LEU B 36 19.14 -3.20 -1.57
C LEU B 36 17.90 -2.38 -1.95
N THR B 37 17.63 -2.28 -3.25
CA THR B 37 16.49 -1.51 -3.71
C THR B 37 16.26 -1.81 -5.18
N GLU B 38 14.98 -1.78 -5.59
CA GLU B 38 14.66 -1.92 -7.00
C GLU B 38 15.05 -0.68 -7.78
N HIS B 39 15.30 0.43 -7.09
CA HIS B 39 15.60 1.75 -7.63
C HIS B 39 16.98 1.90 -8.22
N VAL B 40 17.78 0.86 -8.29
CA VAL B 40 19.07 0.97 -8.97
C VAL B 40 18.99 0.40 -10.38
N GLY B 54 7.47 -15.29 -12.85
CA GLY B 54 7.72 -14.55 -14.07
C GLY B 54 7.20 -13.11 -14.06
N GLY B 55 7.93 -12.22 -14.72
CA GLY B 55 7.45 -10.85 -14.93
C GLY B 55 7.33 -10.09 -13.62
N ASP B 56 6.11 -9.62 -13.31
CA ASP B 56 5.90 -8.91 -12.05
C ASP B 56 6.01 -9.85 -10.86
N ARG B 57 5.70 -11.13 -11.04
CA ARG B 57 5.91 -12.11 -9.98
C ARG B 57 7.37 -12.13 -9.54
N LEU B 58 8.29 -12.05 -10.50
CA LEU B 58 9.72 -12.05 -10.14
C LEU B 58 10.10 -10.79 -9.40
N ILE B 59 9.56 -9.64 -9.80
CA ILE B 59 9.84 -8.40 -9.09
C ILE B 59 9.30 -8.49 -7.67
N HIS B 60 8.06 -8.94 -7.52
CA HIS B 60 7.46 -9.09 -6.19
C HIS B 60 8.34 -9.99 -5.32
N GLU B 61 8.75 -11.15 -5.83
CA GLU B 61 9.53 -12.09 -5.04
C GLU B 61 10.89 -11.51 -4.68
N GLN B 62 11.56 -10.85 -5.64
CA GLN B 62 12.88 -10.30 -5.37
CA GLN B 62 12.88 -10.30 -5.38
C GLN B 62 12.81 -9.17 -4.36
N ASP B 63 11.87 -8.25 -4.55
CA ASP B 63 11.75 -7.14 -3.61
C ASP B 63 11.43 -7.64 -2.20
N LEU B 64 10.52 -8.62 -2.09
CA LEU B 64 10.18 -9.17 -0.78
C LEU B 64 11.38 -9.86 -0.16
N GLU B 65 12.16 -10.59 -0.97
CA GLU B 65 13.37 -11.26 -0.47
C GLU B 65 14.33 -10.24 0.14
N TRP B 66 14.61 -9.17 -0.59
CA TRP B 66 15.50 -8.13 -0.09
C TRP B 66 14.94 -7.45 1.15
N LEU B 67 13.64 -7.17 1.17
CA LEU B 67 13.02 -6.55 2.33
C LEU B 67 13.13 -7.44 3.56
N GLN B 68 12.93 -8.75 3.41
CA GLN B 68 13.02 -9.63 4.58
C GLN B 68 14.43 -9.69 5.12
N GLN B 69 15.43 -9.55 4.26
CA GLN B 69 16.81 -9.61 4.68
C GLN B 69 17.26 -8.35 5.40
N ALA B 70 16.53 -7.27 5.30
CA ALA B 70 17.01 -5.99 5.78
C ALA B 70 16.90 -5.88 7.29
N ASP B 71 17.84 -5.12 7.85
CA ASP B 71 17.79 -4.72 9.25
C ASP B 71 16.93 -3.49 9.45
N VAL B 72 16.87 -2.59 8.47
CA VAL B 72 16.02 -1.42 8.52
C VAL B 72 15.41 -1.20 7.15
N VAL B 73 14.11 -0.91 7.14
CA VAL B 73 13.39 -0.56 5.92
C VAL B 73 13.17 0.94 5.93
N VAL B 74 13.65 1.63 4.88
CA VAL B 74 13.54 3.07 4.76
C VAL B 74 12.62 3.33 3.57
N ALA B 75 11.59 4.14 3.78
CA ALA B 75 10.65 4.48 2.73
C ALA B 75 10.45 5.98 2.67
N GLU B 76 10.46 6.54 1.45
CA GLU B 76 10.08 7.92 1.21
C GLU B 76 8.63 7.84 0.77
N VAL B 77 7.72 8.36 1.59
CA VAL B 77 6.29 8.12 1.47
C VAL B 77 5.51 9.34 1.00
N THR B 78 6.16 10.30 0.33
CA THR B 78 5.45 11.50 -0.11
C THR B 78 4.60 11.23 -1.34
N GLN B 79 5.11 10.47 -2.31
CA GLN B 79 4.37 10.17 -3.54
C GLN B 79 3.51 8.94 -3.30
N PRO B 80 2.19 9.00 -3.46
CA PRO B 80 1.38 7.81 -3.16
C PRO B 80 1.75 6.65 -4.08
N SER B 81 1.79 5.44 -3.52
CA SER B 81 2.25 4.26 -4.24
C SER B 81 1.71 3.00 -3.60
N LEU B 82 1.07 2.16 -4.39
CA LEU B 82 0.60 0.87 -3.87
C LEU B 82 1.77 0.01 -3.42
N GLY B 83 2.86 0.02 -4.19
CA GLY B 83 3.96 -0.88 -3.91
C GLY B 83 4.69 -0.49 -2.65
N VAL B 84 4.88 0.81 -2.43
CA VAL B 84 5.50 1.29 -1.19
C VAL B 84 4.62 0.91 -0.01
N GLY B 85 3.30 1.16 -0.12
CA GLY B 85 2.42 0.76 0.97
C GLY B 85 2.46 -0.73 1.25
N TYR B 86 2.44 -1.53 0.19
CA TYR B 86 2.48 -2.98 0.35
C TYR B 86 3.75 -3.43 1.05
N GLU B 87 4.89 -2.87 0.64
CA GLU B 87 6.15 -3.19 1.30
C GLU B 87 6.11 -2.83 2.78
N LEU B 88 5.55 -1.67 3.12
CA LEU B 88 5.42 -1.26 4.52
C LEU B 88 4.51 -2.21 5.29
N GLY B 89 3.41 -2.67 4.68
CA GLY B 89 2.53 -3.60 5.38
C GLY B 89 3.19 -4.94 5.61
N ARG B 90 3.89 -5.46 4.60
CA ARG B 90 4.64 -6.69 4.80
C ARG B 90 5.72 -6.50 5.85
N ALA B 91 6.42 -5.35 5.80
CA ALA B 91 7.48 -5.08 6.77
C ALA B 91 6.98 -5.05 8.20
N VAL B 92 5.81 -4.43 8.45
CA VAL B 92 5.24 -4.43 9.79
C VAL B 92 4.97 -5.86 10.24
N ALA B 93 4.39 -6.67 9.35
CA ALA B 93 4.07 -8.03 9.74
C ALA B 93 5.32 -8.88 9.97
N PHE B 94 6.43 -8.54 9.29
CA PHE B 94 7.73 -9.16 9.57
C PHE B 94 8.42 -8.55 10.79
N ASN B 95 7.81 -7.56 11.43
CA ASN B 95 8.36 -6.90 12.63
C ASN B 95 9.70 -6.20 12.35
N LYS B 96 9.80 -5.59 11.18
CA LYS B 96 11.01 -4.88 10.81
C LYS B 96 11.07 -3.51 11.46
N ARG B 97 12.30 -3.04 11.68
CA ARG B 97 12.50 -1.63 12.01
C ARG B 97 12.30 -0.81 10.75
N ILE B 98 11.47 0.23 10.83
CA ILE B 98 10.97 0.98 9.69
C ILE B 98 11.15 2.47 9.94
N LEU B 99 11.66 3.18 8.94
CA LEU B 99 11.77 4.64 8.95
C LEU B 99 11.07 5.16 7.70
N CYS B 100 10.00 5.93 7.89
CA CYS B 100 9.31 6.61 6.80
C CYS B 100 9.58 8.11 6.82
N LEU B 101 9.77 8.68 5.64
CA LEU B 101 10.16 10.07 5.44
C LEU B 101 9.09 10.74 4.59
N PHE B 102 8.51 11.83 5.09
CA PHE B 102 7.42 12.51 4.42
C PHE B 102 7.66 14.02 4.33
N ARG B 103 7.34 14.62 3.18
CA ARG B 103 7.51 16.05 2.98
C ARG B 103 6.18 16.80 2.99
N PRO B 104 5.83 17.52 4.06
CA PRO B 104 4.58 18.30 4.03
C PRO B 104 4.58 19.40 2.97
N GLN B 105 5.75 19.89 2.55
CA GLN B 105 5.79 20.91 1.51
C GLN B 105 5.15 20.43 0.21
N SER B 106 4.97 19.11 0.05
CA SER B 106 4.30 18.58 -1.13
C SER B 106 2.85 19.05 -1.21
N GLY B 107 2.25 19.44 -0.09
CA GLY B 107 0.85 19.75 -0.01
C GLY B 107 -0.06 18.55 0.16
N ARG B 108 0.48 17.34 0.16
CA ARG B 108 -0.31 16.15 0.41
C ARG B 108 -0.53 15.95 1.90
N VAL B 109 -1.58 15.22 2.23
CA VAL B 109 -1.76 14.67 3.58
C VAL B 109 -1.35 13.21 3.53
N LEU B 110 -0.39 12.83 4.37
CA LEU B 110 0.08 11.45 4.39
C LEU B 110 -1.04 10.50 4.82
N SER B 111 -1.18 9.39 4.08
CA SER B 111 -2.07 8.29 4.43
C SER B 111 -2.16 8.06 5.93
N ALA B 112 -3.39 7.96 6.45
CA ALA B 112 -3.56 7.62 7.85
C ALA B 112 -2.99 6.23 8.17
N MET B 113 -2.94 5.34 7.20
CA MET B 113 -2.43 4.00 7.47
C MET B 113 -0.93 3.97 7.68
N ILE B 114 -0.22 4.96 7.13
CA ILE B 114 1.22 5.09 7.37
C ILE B 114 1.50 5.94 8.58
N ARG B 115 0.92 7.14 8.63
CA ARG B 115 1.10 8.01 9.80
C ARG B 115 0.66 7.29 11.07
N GLY B 116 -0.46 6.59 10.99
CA GLY B 116 -1.05 5.92 12.12
C GLY B 116 -0.43 4.60 12.49
N ALA B 117 0.38 4.01 11.62
CA ALA B 117 1.08 2.77 11.94
C ALA B 117 2.31 3.02 12.81
N ALA B 118 2.75 4.28 12.88
CA ALA B 118 3.96 4.61 13.63
C ALA B 118 3.78 4.33 15.12
N ASP B 119 4.81 3.79 15.75
CA ASP B 119 4.86 3.69 17.19
C ASP B 119 5.94 4.55 17.80
N GLY B 120 6.76 5.23 16.97
CA GLY B 120 7.79 6.10 17.48
C GLY B 120 9.09 5.43 17.83
N SER B 121 9.18 4.10 17.74
CA SER B 121 10.43 3.41 18.04
C SER B 121 10.75 2.48 16.88
N ARG B 122 10.09 1.33 16.83
CA ARG B 122 10.29 0.38 15.73
C ARG B 122 9.82 0.95 14.40
N PHE B 123 8.69 1.67 14.38
CA PHE B 123 8.14 2.27 13.16
C PHE B 123 8.08 3.77 13.39
N GLN B 124 8.95 4.52 12.73
CA GLN B 124 9.01 5.97 12.88
C GLN B 124 8.59 6.64 11.58
N VAL B 125 7.88 7.76 11.69
CA VAL B 125 7.53 8.60 10.55
C VAL B 125 8.04 10.00 10.86
N TRP B 126 8.91 10.53 10.00
CA TRP B 126 9.51 11.84 10.18
C TRP B 126 9.07 12.76 9.04
N ASP B 127 8.55 13.92 9.37
CA ASP B 127 8.30 14.97 8.40
C ASP B 127 9.57 15.77 8.23
N TYR B 128 9.88 16.16 6.99
CA TYR B 128 11.13 16.87 6.74
C TYR B 128 11.03 17.77 5.52
N GLU B 129 12.01 18.67 5.42
CA GLU B 129 12.21 19.50 4.25
C GLU B 129 13.29 18.88 3.36
N GLU B 130 13.07 18.92 2.05
CA GLU B 130 13.91 18.15 1.11
C GLU B 130 15.40 18.38 1.30
N GLY B 131 15.83 19.62 1.50
CA GLY B 131 17.24 19.91 1.58
C GLY B 131 17.95 19.27 2.76
N GLU B 132 17.21 18.79 3.75
CA GLU B 132 17.77 18.34 5.01
C GLU B 132 17.81 16.82 5.13
N VAL B 133 17.53 16.07 4.06
CA VAL B 133 17.34 14.63 4.20
C VAL B 133 18.65 13.95 4.63
N GLU B 134 19.79 14.41 4.12
CA GLU B 134 21.05 13.78 4.50
C GLU B 134 21.33 13.93 5.99
N ALA B 135 21.12 15.13 6.53
CA ALA B 135 21.33 15.36 7.95
C ALA B 135 20.38 14.52 8.79
N LEU B 136 19.12 14.40 8.36
CA LEU B 136 18.17 13.57 9.10
C LEU B 136 18.61 12.13 9.16
N LEU B 137 19.05 11.60 8.02
CA LEU B 137 19.53 10.23 7.98
C LEU B 137 20.78 10.07 8.85
N ASP B 138 21.67 11.08 8.84
CA ASP B 138 22.81 11.03 9.75
C ASP B 138 22.36 10.87 11.21
N ARG B 139 21.33 11.64 11.61
CA ARG B 139 20.85 11.57 12.99
C ARG B 139 20.24 10.21 13.30
N TYR B 140 19.48 9.64 12.35
CA TYR B 140 18.83 8.36 12.63
C TYR B 140 19.84 7.23 12.73
N PHE B 141 20.83 7.23 11.84
CA PHE B 141 21.82 6.16 11.75
C PHE B 141 23.09 6.45 12.53
N GLU B 142 23.09 7.44 13.42
CA GLU B 142 24.19 7.72 14.34
C GLU B 142 25.52 7.84 13.59
#